data_3K91
#
_entry.id   3K91
#
_cell.length_a   40.049
_cell.length_b   57.925
_cell.length_c   104.988
_cell.angle_alpha   90.00
_cell.angle_beta   90.00
_cell.angle_gamma   90.00
#
_symmetry.space_group_name_H-M   'P 21 21 21'
#
loop_
_entity.id
_entity.type
_entity.pdbx_description
1 polymer 'Superoxide dismutase [Cu-Zn]'
2 non-polymer PENTASULFIDE-SULFUR
3 water water
#
_entity_poly.entity_id   1
_entity_poly.type   'polypeptide(L)'
_entity_poly.pdbx_seq_one_letter_code
;ATKAVCVLKGDGPVQGIINFEQKESNGPVKVWGSIKGLTEGLHGFRVQEFGDNTAGCTSAGPHFNPLSRKHGGPKDEERH
VGDLGNVTADKDGVADVSIEDSVISLSGDHCIIGRTLVVHEKADDLGKGGNEESTKTGNAGSRLACGVIGIAQ
;
_entity_poly.pdbx_strand_id   A,B
#
# COMPACT_ATOMS: atom_id res chain seq x y z
N ALA A 1 -7.05 4.21 -18.73
CA ALA A 1 -7.69 3.83 -17.47
C ALA A 1 -6.67 3.63 -16.36
N THR A 2 -7.04 4.04 -15.15
CA THR A 2 -6.16 3.87 -14.00
C THR A 2 -6.40 2.49 -13.40
N LYS A 3 -5.33 1.84 -12.99
CA LYS A 3 -5.41 0.52 -12.38
C LYS A 3 -4.57 0.46 -11.13
N ALA A 4 -4.99 -0.35 -10.17
CA ALA A 4 -4.26 -0.54 -8.93
C ALA A 4 -4.37 -1.99 -8.47
N VAL A 5 -3.58 -2.36 -7.47
CA VAL A 5 -3.58 -3.73 -6.98
C VAL A 5 -3.13 -3.75 -5.52
N CYS A 6 -3.55 -4.76 -4.79
CA CYS A 6 -3.22 -4.86 -3.38
C CYS A 6 -3.04 -6.32 -3.01
N VAL A 7 -1.92 -6.63 -2.34
CA VAL A 7 -1.69 -7.96 -1.84
C VAL A 7 -2.01 -7.95 -0.35
N LEU A 8 -3.01 -8.75 0.04
CA LEU A 8 -3.42 -8.83 1.43
C LEU A 8 -2.63 -9.93 2.14
N LYS A 9 -1.97 -9.57 3.24
CA LYS A 9 -1.24 -10.55 4.05
C LYS A 9 -1.53 -10.33 5.53
N GLY A 10 -1.51 -11.41 6.29
CA GLY A 10 -1.79 -11.34 7.72
C GLY A 10 -0.84 -12.21 8.52
N ASP A 11 -1.23 -12.51 9.76
CA ASP A 11 -0.42 -13.32 10.65
C ASP A 11 -0.85 -14.79 10.64
N GLY A 12 -1.77 -15.13 9.74
CA GLY A 12 -2.24 -16.49 9.62
C GLY A 12 -2.37 -16.95 8.16
N PRO A 13 -3.42 -17.73 7.89
CA PRO A 13 -3.67 -18.35 6.58
C PRO A 13 -4.25 -17.38 5.57
N VAL A 14 -4.76 -16.24 6.06
CA VAL A 14 -5.46 -15.28 5.21
C VAL A 14 -4.51 -14.59 4.24
N GLN A 15 -4.81 -14.69 2.95
CA GLN A 15 -4.08 -13.94 1.95
C GLN A 15 -4.94 -13.74 0.70
N GLY A 16 -4.64 -12.70 -0.06
CA GLY A 16 -5.43 -12.40 -1.22
C GLY A 16 -4.77 -11.39 -2.13
N ILE A 17 -5.31 -11.28 -3.33
CA ILE A 17 -4.92 -10.28 -4.30
C ILE A 17 -6.18 -9.61 -4.81
N ILE A 18 -6.21 -8.29 -4.72
CA ILE A 18 -7.37 -7.51 -5.09
C ILE A 18 -6.97 -6.49 -6.13
N ASN A 19 -7.74 -6.44 -7.22
CA ASN A 19 -7.45 -5.55 -8.32
C ASN A 19 -8.43 -4.39 -8.35
N PHE A 20 -7.97 -3.25 -8.84
CA PHE A 20 -8.82 -2.08 -9.00
C PHE A 20 -8.67 -1.51 -10.40
N GLU A 21 -9.78 -1.05 -10.97
CA GLU A 21 -9.75 -0.39 -12.28
C GLU A 21 -10.79 0.73 -12.36
N GLN A 22 -10.37 1.89 -12.84
CA GLN A 22 -11.29 3.01 -13.01
C GLN A 22 -11.10 3.62 -14.40
N LYS A 23 -12.16 3.61 -15.21
CA LYS A 23 -12.07 4.07 -16.59
C LYS A 23 -11.99 5.60 -16.69
N GLU A 24 -12.73 6.29 -15.85
CA GLU A 24 -12.71 7.75 -15.83
C GLU A 24 -12.73 8.31 -14.42
N SER A 25 -12.08 9.46 -14.22
CA SER A 25 -11.90 10.00 -12.88
CA SER A 25 -11.91 10.05 -12.89
C SER A 25 -13.21 10.21 -12.13
N ASN A 26 -14.30 10.44 -12.85
CA ASN A 26 -15.60 10.66 -12.23
C ASN A 26 -16.41 9.37 -12.16
N GLY A 27 -15.84 8.29 -12.64
CA GLY A 27 -16.56 7.04 -12.78
C GLY A 27 -16.35 6.04 -11.65
N PRO A 28 -17.11 4.94 -11.68
CA PRO A 28 -17.01 3.90 -10.65
C PRO A 28 -15.67 3.18 -10.71
N VAL A 29 -15.23 2.67 -9.57
CA VAL A 29 -14.05 1.82 -9.49
C VAL A 29 -14.46 0.36 -9.43
N LYS A 30 -13.96 -0.46 -10.36
CA LYS A 30 -14.21 -1.90 -10.30
C LYS A 30 -13.19 -2.58 -9.40
N VAL A 31 -13.68 -3.34 -8.43
CA VAL A 31 -12.81 -4.04 -7.49
C VAL A 31 -13.05 -5.54 -7.62
N TRP A 32 -12.01 -6.29 -7.92
CA TRP A 32 -12.16 -7.74 -8.05
C TRP A 32 -10.90 -8.52 -7.69
N GLY A 33 -11.11 -9.73 -7.18
CA GLY A 33 -10.03 -10.60 -6.79
C GLY A 33 -10.53 -11.70 -5.89
N SER A 34 -9.62 -12.27 -5.10
CA SER A 34 -10.01 -13.36 -4.20
C SER A 34 -9.19 -13.33 -2.92
N ILE A 35 -9.78 -13.84 -1.86
CA ILE A 35 -9.10 -13.93 -0.56
C ILE A 35 -9.29 -15.35 -0.03
N LYS A 36 -8.22 -15.96 0.44
CA LYS A 36 -8.32 -17.31 0.98
C LYS A 36 -7.95 -17.33 2.46
N GLY A 37 -8.16 -18.47 3.10
CA GLY A 37 -7.84 -18.62 4.51
C GLY A 37 -8.84 -18.03 5.49
N LEU A 38 -10.04 -17.72 5.01
CA LEU A 38 -11.08 -17.08 5.82
C LEU A 38 -12.08 -18.07 6.41
N THR A 39 -12.75 -17.68 7.49
CA THR A 39 -13.86 -18.47 8.02
C THR A 39 -15.05 -18.34 7.08
N GLU A 40 -15.83 -19.41 6.95
CA GLU A 40 -16.99 -19.36 6.08
C GLU A 40 -17.92 -18.24 6.54
N GLY A 41 -18.43 -17.46 5.59
CA GLY A 41 -19.34 -16.37 5.93
C GLY A 41 -18.84 -14.97 5.64
N LEU A 42 -19.46 -13.99 6.28
CA LEU A 42 -19.22 -12.58 5.98
C LEU A 42 -18.01 -11.97 6.69
N HIS A 43 -17.29 -11.12 5.96
CA HIS A 43 -16.09 -10.45 6.47
C HIS A 43 -16.04 -8.99 6.03
N GLY A 44 -15.86 -8.08 6.98
CA GLY A 44 -15.75 -6.67 6.68
C GLY A 44 -14.59 -6.38 5.74
N PHE A 45 -14.80 -5.46 4.81
CA PHE A 45 -13.84 -5.16 3.76
C PHE A 45 -13.78 -3.64 3.64
N ARG A 46 -12.62 -3.05 3.95
CA ARG A 46 -12.55 -1.59 3.97
C ARG A 46 -11.16 -1.01 3.74
N VAL A 47 -11.12 0.27 3.41
CA VAL A 47 -9.87 0.98 3.21
C VAL A 47 -9.63 1.91 4.41
N GLN A 48 -8.42 1.84 4.97
CA GLN A 48 -8.03 2.69 6.10
C GLN A 48 -7.30 3.91 5.56
N GLU A 49 -7.15 4.95 6.38
CA GLU A 49 -6.58 6.18 5.89
C GLU A 49 -5.11 6.05 5.48
N PHE A 50 -4.33 5.34 6.29
CA PHE A 50 -2.90 5.30 6.05
C PHE A 50 -2.43 3.99 5.42
N GLY A 51 -1.40 4.09 4.59
CA GLY A 51 -0.78 2.92 4.01
C GLY A 51 0.47 2.59 4.79
N ASP A 52 0.31 2.54 6.11
CA ASP A 52 1.41 2.29 7.02
C ASP A 52 1.32 0.86 7.54
N ASN A 53 2.25 0.01 7.12
CA ASN A 53 2.20 -1.37 7.56
C ASN A 53 3.42 -1.74 8.40
N THR A 54 3.99 -0.73 9.05
CA THR A 54 5.16 -0.95 9.91
C THR A 54 4.85 -1.86 11.08
N ALA A 55 3.58 -1.94 11.46
CA ALA A 55 3.15 -2.84 12.51
C ALA A 55 2.02 -3.73 11.98
N GLY A 56 2.21 -4.27 10.79
CA GLY A 56 1.18 -5.07 10.15
C GLY A 56 -0.07 -4.21 9.98
N CYS A 57 -1.22 -4.81 10.25
CA CYS A 57 -2.48 -4.10 10.04
C CYS A 57 -2.78 -3.14 11.19
N THR A 58 -2.02 -3.28 12.27
CA THR A 58 -2.24 -2.51 13.49
C THR A 58 -1.94 -1.03 13.31
N SER A 59 -1.19 -0.71 12.26
CA SER A 59 -0.74 0.66 12.03
C SER A 59 -1.46 1.36 10.88
N ALA A 60 -2.51 0.73 10.36
CA ALA A 60 -3.21 1.27 9.19
C ALA A 60 -4.06 2.49 9.55
N GLY A 61 -4.22 2.74 10.84
CA GLY A 61 -4.86 3.96 11.30
C GLY A 61 -6.37 3.96 11.20
N PRO A 62 -6.96 5.17 11.29
CA PRO A 62 -8.41 5.37 11.27
C PRO A 62 -9.02 4.97 9.93
N HIS A 63 -10.35 4.86 9.89
CA HIS A 63 -11.05 4.57 8.66
C HIS A 63 -10.85 5.74 7.69
N PHE A 64 -10.81 5.44 6.39
CA PHE A 64 -10.67 6.50 5.41
C PHE A 64 -12.00 7.24 5.31
N ASN A 65 -12.04 8.46 5.83
CA ASN A 65 -13.29 9.20 6.04
C ASN A 65 -13.14 10.70 5.87
N PRO A 66 -12.76 11.15 4.66
CA PRO A 66 -12.49 12.56 4.38
C PRO A 66 -13.64 13.51 4.75
N LEU A 67 -14.88 13.02 4.67
CA LEU A 67 -16.04 13.86 4.91
C LEU A 67 -16.53 13.85 6.37
N SER A 68 -15.82 13.10 7.22
CA SER A 68 -16.17 13.01 8.64
C SER A 68 -17.61 12.57 8.85
N ARG A 69 -18.00 11.51 8.15
CA ARG A 69 -19.37 11.00 8.24
C ARG A 69 -19.43 9.78 9.15
N LYS A 70 -20.63 9.24 9.35
CA LYS A 70 -20.81 8.03 10.14
C LYS A 70 -20.59 6.78 9.30
N HIS A 71 -20.14 5.71 9.94
CA HIS A 71 -19.91 4.44 9.26
C HIS A 71 -21.21 3.88 8.73
N GLY A 72 -21.17 3.31 7.52
CA GLY A 72 -22.35 2.72 6.92
C GLY A 72 -22.01 1.69 5.86
N GLY A 73 -23.02 1.35 5.06
CA GLY A 73 -22.84 0.42 3.96
C GLY A 73 -22.39 1.15 2.72
N PRO A 74 -21.86 0.41 1.73
CA PRO A 74 -21.35 0.98 0.47
C PRO A 74 -22.44 1.70 -0.31
N LYS A 75 -23.69 1.34 -0.06
CA LYS A 75 -24.81 1.94 -0.79
C LYS A 75 -25.49 3.04 0.02
N ASP A 76 -25.05 3.21 1.27
CA ASP A 76 -25.58 4.26 2.13
C ASP A 76 -25.02 5.63 1.74
N ARG A 79 -21.90 7.05 4.86
CA ARG A 79 -20.81 6.08 4.89
C ARG A 79 -19.46 6.80 4.84
N HIS A 80 -18.43 6.14 5.36
CA HIS A 80 -17.07 6.61 5.15
C HIS A 80 -16.70 6.24 3.72
N VAL A 81 -15.77 6.98 3.14
CA VAL A 81 -15.29 6.64 1.81
C VAL A 81 -14.74 5.22 1.79
N GLY A 82 -14.15 4.80 2.90
CA GLY A 82 -13.50 3.49 2.97
C GLY A 82 -14.39 2.28 3.18
N ASP A 83 -15.67 2.52 3.49
CA ASP A 83 -16.61 1.42 3.74
C ASP A 83 -16.95 0.67 2.46
N LEU A 84 -16.41 -0.52 2.29
CA LEU A 84 -16.66 -1.31 1.09
C LEU A 84 -17.56 -2.51 1.35
N GLY A 85 -18.17 -2.56 2.54
CA GLY A 85 -19.13 -3.58 2.87
C GLY A 85 -18.51 -4.89 3.31
N ASN A 86 -19.10 -5.99 2.84
CA ASN A 86 -18.67 -7.33 3.22
C ASN A 86 -18.30 -8.17 2.01
N VAL A 87 -17.34 -9.08 2.20
CA VAL A 87 -17.11 -10.15 1.24
C VAL A 87 -17.56 -11.45 1.89
N THR A 88 -17.87 -12.44 1.08
CA THR A 88 -18.36 -13.72 1.59
C THR A 88 -17.41 -14.86 1.24
N ALA A 89 -17.01 -15.62 2.25
CA ALA A 89 -16.15 -16.79 2.06
C ALA A 89 -16.97 -18.06 2.06
N ASP A 90 -16.61 -19.00 1.19
CA ASP A 90 -17.28 -20.30 1.09
C ASP A 90 -16.76 -21.29 2.13
N LYS A 91 -17.19 -22.54 2.00
CA LYS A 91 -16.85 -23.57 2.99
C LYS A 91 -15.36 -23.94 2.97
N ASP A 92 -14.67 -23.51 1.92
CA ASP A 92 -13.23 -23.75 1.81
C ASP A 92 -12.45 -22.50 2.25
N GLY A 93 -13.17 -21.50 2.73
CA GLY A 93 -12.56 -20.26 3.19
C GLY A 93 -12.11 -19.31 2.10
N VAL A 94 -12.68 -19.47 0.90
CA VAL A 94 -12.30 -18.65 -0.24
C VAL A 94 -13.40 -17.65 -0.54
N ALA A 95 -13.05 -16.37 -0.57
CA ALA A 95 -14.00 -15.32 -0.91
C ALA A 95 -13.69 -14.72 -2.27
N ASP A 96 -14.69 -14.71 -3.14
CA ASP A 96 -14.60 -13.97 -4.38
C ASP A 96 -14.91 -12.51 -4.07
N VAL A 97 -14.15 -11.60 -4.66
CA VAL A 97 -14.43 -10.18 -4.52
C VAL A 97 -14.84 -9.61 -5.87
N SER A 98 -16.06 -9.10 -5.94
CA SER A 98 -16.50 -8.43 -7.17
C SER A 98 -17.39 -7.27 -6.78
N ILE A 99 -16.80 -6.08 -6.76
CA ILE A 99 -17.49 -4.88 -6.33
C ILE A 99 -17.31 -3.75 -7.34
N GLU A 100 -18.38 -3.00 -7.56
CA GLU A 100 -18.26 -1.75 -8.31
C GLU A 100 -18.71 -0.62 -7.38
N ASP A 101 -17.81 0.31 -7.14
CA ASP A 101 -18.10 1.36 -6.16
C ASP A 101 -17.84 2.74 -6.73
N SER A 102 -18.76 3.66 -6.48
CA SER A 102 -18.68 5.00 -7.05
C SER A 102 -18.19 6.06 -6.06
N VAL A 103 -17.84 5.64 -4.85
CA VAL A 103 -17.41 6.60 -3.84
C VAL A 103 -15.90 6.62 -3.70
N ILE A 104 -15.28 5.45 -3.69
CA ILE A 104 -13.82 5.40 -3.77
C ILE A 104 -13.38 5.83 -5.16
N SER A 105 -12.09 6.08 -5.31
CA SER A 105 -11.57 6.56 -6.58
C SER A 105 -10.09 6.26 -6.64
N LEU A 106 -9.53 6.30 -7.83
CA LEU A 106 -8.09 6.13 -8.00
C LEU A 106 -7.42 7.48 -8.31
N SER A 107 -8.20 8.54 -8.13
CA SER A 107 -7.68 9.91 -8.20
C SER A 107 -8.57 10.86 -7.41
N GLY A 108 -8.12 12.09 -7.19
CA GLY A 108 -8.92 13.05 -6.46
C GLY A 108 -8.88 12.87 -4.96
N ASP A 109 -9.79 13.52 -4.25
CA ASP A 109 -9.79 13.49 -2.79
C ASP A 109 -10.20 12.14 -2.21
N HIS A 110 -10.91 11.35 -3.00
CA HIS A 110 -11.33 10.02 -2.57
C HIS A 110 -10.38 8.93 -3.05
N CYS A 111 -9.19 9.36 -3.49
CA CYS A 111 -8.19 8.41 -3.96
C CYS A 111 -7.77 7.44 -2.86
N ILE A 112 -7.70 6.16 -3.20
CA ILE A 112 -7.31 5.12 -2.22
C ILE A 112 -5.92 4.54 -2.48
N ILE A 113 -5.28 4.97 -3.57
CA ILE A 113 -3.90 4.57 -3.84
C ILE A 113 -2.98 5.04 -2.70
N GLY A 114 -2.17 4.13 -2.17
CA GLY A 114 -1.28 4.46 -1.07
C GLY A 114 -1.91 4.25 0.29
N ARG A 115 -3.17 3.85 0.32
CA ARG A 115 -3.85 3.55 1.57
C ARG A 115 -3.92 2.03 1.82
N THR A 116 -4.37 1.63 3.01
CA THR A 116 -4.38 0.22 3.37
C THR A 116 -5.75 -0.43 3.17
N LEU A 117 -5.78 -1.54 2.44
CA LEU A 117 -6.99 -2.36 2.30
C LEU A 117 -6.97 -3.44 3.38
N VAL A 118 -8.10 -3.68 4.02
CA VAL A 118 -8.16 -4.62 5.15
C VAL A 118 -9.36 -5.55 5.04
N VAL A 119 -9.15 -6.81 5.39
CA VAL A 119 -10.27 -7.73 5.56
C VAL A 119 -10.40 -8.11 7.03
N HIS A 120 -11.63 -8.13 7.53
CA HIS A 120 -11.86 -8.27 8.96
C HIS A 120 -12.31 -9.64 9.42
N GLU A 121 -12.26 -9.83 10.72
CA GLU A 121 -12.57 -11.10 11.38
C GLU A 121 -14.05 -11.45 11.27
N LYS A 122 -14.90 -10.44 11.44
CA LYS A 122 -16.33 -10.64 11.46
C LYS A 122 -17.02 -9.82 10.39
N ALA A 123 -18.35 -9.94 10.32
CA ALA A 123 -19.14 -9.16 9.39
C ALA A 123 -19.20 -7.69 9.81
N ASP A 124 -19.18 -6.80 8.83
CA ASP A 124 -19.40 -5.38 9.08
C ASP A 124 -20.90 -5.15 9.12
N ASP A 125 -21.41 -4.58 10.20
CA ASP A 125 -22.86 -4.44 10.35
C ASP A 125 -23.42 -3.25 9.58
N LEU A 126 -22.54 -2.55 8.86
CA LEU A 126 -22.93 -1.45 7.99
C LEU A 126 -23.51 -0.27 8.77
N GLY A 127 -23.16 -0.20 10.05
CA GLY A 127 -23.64 0.87 10.92
C GLY A 127 -25.10 0.69 11.31
N LYS A 128 -25.60 -0.53 11.18
CA LYS A 128 -26.99 -0.81 11.52
C LYS A 128 -27.11 -1.66 12.79
N GLY A 129 -25.99 -1.82 13.50
CA GLY A 129 -25.98 -2.60 14.73
C GLY A 129 -26.43 -1.79 15.93
N GLU A 133 -20.24 1.54 18.54
CA GLU A 133 -19.23 0.84 17.75
C GLU A 133 -19.71 0.57 16.33
N SER A 134 -21.03 0.40 16.16
CA SER A 134 -21.60 0.15 14.86
C SER A 134 -21.38 1.31 13.90
N THR A 135 -21.60 2.53 14.38
CA THR A 135 -21.39 3.73 13.59
C THR A 135 -19.92 4.13 13.58
N LYS A 136 -19.06 3.22 14.04
CA LYS A 136 -17.63 3.48 14.10
C LYS A 136 -16.85 2.50 13.24
N THR A 137 -16.83 1.23 13.65
CA THR A 137 -16.07 0.20 12.96
C THR A 137 -16.96 -0.91 12.41
N GLY A 138 -18.27 -0.76 12.58
CA GLY A 138 -19.22 -1.75 12.11
C GLY A 138 -19.14 -3.06 12.87
N ASN A 139 -18.44 -3.06 14.00
CA ASN A 139 -18.28 -4.25 14.83
C ASN A 139 -17.67 -5.43 14.06
N ALA A 140 -16.78 -5.13 13.12
CA ALA A 140 -16.18 -6.15 12.26
C ALA A 140 -15.02 -6.89 12.92
N GLY A 141 -14.69 -6.52 14.15
CA GLY A 141 -13.64 -7.19 14.89
C GLY A 141 -12.24 -6.91 14.37
N SER A 142 -11.34 -7.85 14.62
N SER A 142 -11.37 -7.81 14.53
CA SER A 142 -9.92 -7.66 14.31
CA SER A 142 -9.95 -7.63 14.22
C SER A 142 -9.61 -7.66 12.82
C SER A 142 -9.64 -7.62 12.73
N ARG A 143 -8.45 -7.09 12.48
CA ARG A 143 -7.96 -7.06 11.11
C ARG A 143 -7.15 -8.31 10.81
N LEU A 144 -7.64 -9.14 9.88
CA LEU A 144 -7.01 -10.42 9.60
C LEU A 144 -5.85 -10.30 8.62
N ALA A 145 -5.99 -9.42 7.65
CA ALA A 145 -4.97 -9.27 6.63
C ALA A 145 -5.14 -7.92 5.97
N CYS A 146 -4.07 -7.42 5.35
CA CYS A 146 -4.09 -6.08 4.82
C CYS A 146 -2.89 -5.87 3.93
N GLY A 147 -2.92 -4.81 3.13
CA GLY A 147 -1.79 -4.48 2.28
C GLY A 147 -1.96 -3.06 1.79
N VAL A 148 -0.90 -2.48 1.27
CA VAL A 148 -1.00 -1.13 0.71
C VAL A 148 -1.45 -1.20 -0.74
N ILE A 149 -2.40 -0.35 -1.11
CA ILE A 149 -2.90 -0.31 -2.49
C ILE A 149 -1.89 0.39 -3.39
N GLY A 150 -1.44 -0.30 -4.45
CA GLY A 150 -0.38 0.23 -5.29
C GLY A 150 -0.81 0.43 -6.72
N ILE A 151 -0.09 1.28 -7.45
CA ILE A 151 -0.38 1.50 -8.86
C ILE A 151 0.01 0.27 -9.68
N ALA A 152 -0.82 -0.10 -10.64
CA ALA A 152 -0.60 -1.32 -11.40
C ALA A 152 -0.83 -1.11 -12.90
N GLN A 153 -0.51 -2.14 -13.68
CA GLN A 153 -0.81 -2.19 -15.10
C GLN A 153 -1.55 -3.49 -15.42
N ALA B 1 -0.73 14.33 0.73
CA ALA B 1 0.05 13.75 1.83
C ALA B 1 1.35 14.52 2.02
N THR B 2 1.83 14.56 3.26
CA THR B 2 3.11 15.19 3.56
C THR B 2 4.14 14.18 4.02
N LYS B 3 3.69 12.96 4.33
CA LYS B 3 4.60 11.90 4.74
C LYS B 3 4.17 10.57 4.12
N ALA B 4 5.17 9.75 3.81
CA ALA B 4 4.94 8.40 3.30
C ALA B 4 5.87 7.44 4.02
N VAL B 5 5.59 6.14 3.93
CA VAL B 5 6.42 5.15 4.61
C VAL B 5 6.37 3.88 3.79
N CYS B 6 7.45 3.11 3.87
CA CYS B 6 7.55 1.88 3.11
C CYS B 6 8.23 0.81 3.96
N VAL B 7 7.62 -0.37 4.02
CA VAL B 7 8.22 -1.53 4.67
C VAL B 7 8.86 -2.40 3.60
N LEU B 8 10.18 -2.53 3.65
CA LEU B 8 10.90 -3.39 2.71
C LEU B 8 10.95 -4.82 3.24
N LYS B 9 10.61 -5.77 2.37
CA LYS B 9 10.73 -7.18 2.71
C LYS B 9 11.01 -7.98 1.44
N GLY B 10 11.66 -9.13 1.59
CA GLY B 10 11.97 -9.95 0.45
C GLY B 10 11.99 -11.42 0.81
N ASP B 11 12.48 -12.24 -0.11
CA ASP B 11 12.61 -13.68 0.13
C ASP B 11 13.77 -13.99 1.07
N GLY B 12 14.71 -13.06 1.20
CA GLY B 12 15.87 -13.23 2.06
C GLY B 12 15.73 -12.46 3.36
N PRO B 13 16.87 -12.09 3.97
CA PRO B 13 16.93 -11.42 5.27
C PRO B 13 16.86 -9.89 5.17
N VAL B 14 16.81 -9.33 3.97
CA VAL B 14 16.80 -7.88 3.83
C VAL B 14 15.47 -7.31 4.28
N GLN B 15 15.51 -6.40 5.26
CA GLN B 15 14.29 -5.77 5.75
C GLN B 15 14.59 -4.35 6.20
N GLY B 16 13.64 -3.46 6.04
CA GLY B 16 13.84 -2.09 6.44
C GLY B 16 12.56 -1.29 6.50
N ILE B 17 12.64 -0.13 7.13
CA ILE B 17 11.56 0.84 7.10
C ILE B 17 12.15 2.15 6.61
N ILE B 18 11.55 2.72 5.58
CA ILE B 18 12.00 3.98 5.02
C ILE B 18 10.86 4.98 5.08
N ASN B 19 11.18 6.18 5.57
CA ASN B 19 10.22 7.27 5.70
C ASN B 19 10.49 8.33 4.65
N PHE B 20 9.42 9.00 4.22
CA PHE B 20 9.51 10.11 3.29
C PHE B 20 8.71 11.26 3.86
N GLU B 21 9.29 12.46 3.87
CA GLU B 21 8.54 13.61 4.32
C GLU B 21 8.72 14.79 3.38
N GLN B 22 7.62 15.44 3.05
CA GLN B 22 7.61 16.58 2.15
C GLN B 22 6.63 17.60 2.70
N LYS B 23 7.09 18.42 3.64
CA LYS B 23 6.22 19.38 4.30
C LYS B 23 5.67 20.42 3.34
N GLU B 24 6.39 20.67 2.25
CA GLU B 24 5.95 21.67 1.27
C GLU B 24 5.70 21.08 -0.11
N SER B 25 4.52 21.36 -0.68
CA SER B 25 4.22 20.88 -2.02
C SER B 25 5.35 21.24 -2.98
N ASN B 26 5.76 20.26 -3.78
CA ASN B 26 6.83 20.44 -4.77
C ASN B 26 8.20 20.72 -4.17
N GLY B 27 8.28 20.68 -2.83
CA GLY B 27 9.52 20.93 -2.13
C GLY B 27 10.38 19.67 -2.06
N PRO B 28 11.58 19.80 -1.46
CA PRO B 28 12.44 18.61 -1.31
C PRO B 28 11.78 17.57 -0.43
N VAL B 29 12.10 16.31 -0.70
CA VAL B 29 11.59 15.21 0.10
C VAL B 29 12.72 14.67 0.95
N LYS B 30 12.50 14.64 2.27
CA LYS B 30 13.43 13.98 3.17
C LYS B 30 13.18 12.47 3.15
N VAL B 31 14.25 11.69 2.98
CA VAL B 31 14.16 10.23 3.00
C VAL B 31 15.09 9.67 4.09
N TRP B 32 14.53 8.91 5.01
CA TRP B 32 15.35 8.34 6.08
C TRP B 32 14.82 7.04 6.62
N GLY B 33 15.71 6.27 7.21
CA GLY B 33 15.34 5.02 7.86
C GLY B 33 16.55 4.12 7.96
N SER B 34 16.30 2.82 8.05
CA SER B 34 17.37 1.85 8.15
C SER B 34 16.99 0.55 7.46
N ILE B 35 17.95 -0.05 6.78
CA ILE B 35 17.75 -1.34 6.12
C ILE B 35 18.81 -2.29 6.66
N LYS B 36 18.40 -3.48 7.07
CA LYS B 36 19.34 -4.48 7.57
C LYS B 36 19.29 -5.76 6.77
N GLY B 37 20.26 -6.64 7.03
CA GLY B 37 20.34 -7.93 6.35
C GLY B 37 21.10 -7.89 5.04
N LEU B 38 21.80 -6.78 4.79
CA LEU B 38 22.53 -6.59 3.54
C LEU B 38 23.99 -6.99 3.68
N THR B 39 24.66 -7.20 2.55
CA THR B 39 26.11 -7.38 2.55
C THR B 39 26.79 -6.02 2.67
N GLU B 40 27.92 -5.98 3.38
CA GLU B 40 28.66 -4.74 3.58
C GLU B 40 28.95 -4.06 2.24
N GLY B 41 28.71 -2.75 2.17
CA GLY B 41 28.98 -2.01 0.95
C GLY B 41 27.76 -1.36 0.32
N LEU B 42 27.90 -0.98 -0.95
CA LEU B 42 26.87 -0.21 -1.64
C LEU B 42 25.75 -1.08 -2.25
N HIS B 43 24.53 -0.57 -2.15
CA HIS B 43 23.36 -1.23 -2.74
C HIS B 43 22.44 -0.23 -3.44
N GLY B 44 22.08 -0.53 -4.68
CA GLY B 44 21.19 0.34 -5.42
C GLY B 44 19.89 0.56 -4.68
N PHE B 45 19.40 1.80 -4.74
CA PHE B 45 18.21 2.23 -4.02
C PHE B 45 17.33 2.94 -5.03
N ARG B 46 16.14 2.40 -5.30
CA ARG B 46 15.34 2.86 -6.43
C ARG B 46 13.83 2.80 -6.17
N VAL B 47 13.09 3.64 -6.87
CA VAL B 47 11.63 3.53 -6.91
C VAL B 47 11.21 2.95 -8.25
N GLN B 48 10.40 1.90 -8.21
CA GLN B 48 9.90 1.26 -9.42
C GLN B 48 8.53 1.82 -9.78
N GLU B 49 8.16 1.72 -11.06
CA GLU B 49 6.94 2.34 -11.56
C GLU B 49 5.67 1.86 -10.86
N PHE B 50 5.58 0.56 -10.60
CA PHE B 50 4.34 0.02 -10.09
C PHE B 50 4.40 -0.45 -8.63
N GLY B 51 3.33 -0.23 -7.89
CA GLY B 51 3.23 -0.75 -6.54
C GLY B 51 2.60 -2.13 -6.55
N ASP B 52 3.11 -3.01 -7.40
CA ASP B 52 2.55 -4.33 -7.63
C ASP B 52 3.53 -5.35 -7.08
N ASN B 53 3.20 -5.91 -5.92
CA ASN B 53 4.06 -6.91 -5.32
C ASN B 53 3.37 -8.28 -5.31
N THR B 54 2.53 -8.51 -6.32
CA THR B 54 1.82 -9.78 -6.44
C THR B 54 2.77 -10.95 -6.66
N ALA B 55 3.94 -10.66 -7.23
CA ALA B 55 4.98 -11.67 -7.38
C ALA B 55 6.24 -11.18 -6.69
N GLY B 56 6.08 -10.73 -5.45
CA GLY B 56 7.18 -10.14 -4.72
C GLY B 56 7.74 -8.98 -5.50
N CYS B 57 9.06 -8.86 -5.52
CA CYS B 57 9.68 -7.70 -6.14
C CYS B 57 9.78 -7.82 -7.66
N THR B 58 9.44 -8.98 -8.18
CA THR B 58 9.57 -9.22 -9.62
C THR B 58 8.46 -8.59 -10.44
N SER B 59 7.40 -8.15 -9.78
CA SER B 59 6.24 -7.56 -10.46
C SER B 59 6.20 -6.04 -10.41
N ALA B 60 7.25 -5.44 -9.85
CA ALA B 60 7.25 -3.99 -9.58
C ALA B 60 7.44 -3.12 -10.82
N GLY B 61 7.84 -3.72 -11.94
CA GLY B 61 7.98 -2.99 -13.18
C GLY B 61 9.33 -2.31 -13.32
N PRO B 62 9.48 -1.45 -14.33
CA PRO B 62 10.75 -0.76 -14.61
C PRO B 62 10.94 0.36 -13.60
N HIS B 63 12.15 0.88 -13.48
CA HIS B 63 12.36 2.00 -12.57
C HIS B 63 11.48 3.17 -13.00
N PHE B 64 11.00 3.93 -12.02
CA PHE B 64 10.10 5.05 -12.27
C PHE B 64 10.83 6.14 -13.06
N ASN B 65 10.27 6.50 -14.21
CA ASN B 65 10.91 7.45 -15.12
C ASN B 65 9.90 7.95 -16.13
N PRO B 66 8.95 8.76 -15.67
CA PRO B 66 7.86 9.20 -16.57
C PRO B 66 8.43 9.89 -17.79
N LEU B 67 7.96 9.50 -18.98
CA LEU B 67 8.47 10.02 -20.25
C LEU B 67 9.84 9.45 -20.59
N ARG B 79 19.33 12.67 -13.53
CA ARG B 79 18.96 11.31 -13.15
C ARG B 79 17.50 11.04 -13.48
N HIS B 80 17.15 9.76 -13.54
CA HIS B 80 15.74 9.38 -13.67
C HIS B 80 15.08 9.56 -12.31
N VAL B 81 13.78 9.86 -12.32
CA VAL B 81 13.08 10.19 -11.08
C VAL B 81 13.27 9.15 -9.99
N GLY B 82 13.18 7.87 -10.36
CA GLY B 82 13.23 6.80 -9.39
C GLY B 82 14.61 6.46 -8.86
N ASP B 83 15.64 7.03 -9.47
CA ASP B 83 17.02 6.67 -9.15
C ASP B 83 17.49 7.38 -7.88
N LEU B 84 17.40 6.68 -6.76
CA LEU B 84 17.79 7.25 -5.47
C LEU B 84 19.22 6.93 -5.06
N GLY B 85 20.06 6.58 -6.03
CA GLY B 85 21.47 6.31 -5.77
C GLY B 85 21.70 5.03 -5.00
N ASN B 86 22.57 5.09 -3.99
CA ASN B 86 22.93 3.93 -3.19
C ASN B 86 22.67 4.14 -1.71
N VAL B 87 22.43 3.05 -0.99
CA VAL B 87 22.54 3.03 0.46
C VAL B 87 23.81 2.26 0.78
N THR B 88 24.36 2.45 1.98
CA THR B 88 25.62 1.79 2.34
C THR B 88 25.47 0.96 3.60
N ALA B 89 25.65 -0.34 3.46
CA ALA B 89 25.60 -1.24 4.61
C ALA B 89 26.96 -1.30 5.29
N ASP B 90 26.97 -1.34 6.61
CA ASP B 90 28.21 -1.49 7.36
C ASP B 90 28.57 -2.96 7.53
N LYS B 91 29.54 -3.25 8.39
CA LYS B 91 29.98 -4.63 8.59
C LYS B 91 28.89 -5.49 9.23
N ASP B 92 27.98 -4.85 9.96
CA ASP B 92 26.86 -5.55 10.58
C ASP B 92 25.74 -5.82 9.59
N GLY B 93 25.83 -5.20 8.41
CA GLY B 93 24.84 -5.40 7.37
C GLY B 93 23.70 -4.40 7.43
N VAL B 94 23.92 -3.30 8.15
CA VAL B 94 22.92 -2.28 8.37
C VAL B 94 23.23 -1.03 7.57
N ALA B 95 22.23 -0.53 6.84
CA ALA B 95 22.39 0.69 6.08
C ALA B 95 21.44 1.74 6.62
N ASP B 96 22.01 2.78 7.21
CA ASP B 96 21.21 3.90 7.70
C ASP B 96 21.04 4.88 6.55
N VAL B 97 19.82 5.34 6.35
CA VAL B 97 19.49 6.22 5.23
C VAL B 97 19.10 7.60 5.71
N SER B 98 19.71 8.62 5.12
CA SER B 98 19.30 10.01 5.34
C SER B 98 19.63 10.80 4.10
N ILE B 99 18.63 11.03 3.26
CA ILE B 99 18.83 11.69 1.98
C ILE B 99 17.81 12.81 1.80
N GLU B 100 18.19 13.83 1.04
CA GLU B 100 17.25 14.84 0.58
C GLU B 100 17.16 14.71 -0.93
N ASP B 101 15.95 14.66 -1.45
CA ASP B 101 15.76 14.50 -2.89
C ASP B 101 14.73 15.50 -3.38
N SER B 102 15.10 16.29 -4.39
CA SER B 102 14.23 17.31 -4.94
CA SER B 102 14.19 17.29 -4.92
C SER B 102 13.62 16.90 -6.26
N VAL B 103 13.75 15.62 -6.62
CA VAL B 103 13.18 15.12 -7.87
C VAL B 103 11.94 14.29 -7.59
N ILE B 104 12.04 13.36 -6.63
CA ILE B 104 10.87 12.60 -6.23
C ILE B 104 9.90 13.55 -5.54
N SER B 105 8.65 13.12 -5.37
CA SER B 105 7.65 13.97 -4.75
C SER B 105 6.52 13.11 -4.21
N LEU B 106 5.73 13.70 -3.31
CA LEU B 106 4.55 13.02 -2.77
C LEU B 106 3.26 13.50 -3.42
N SER B 107 3.41 14.23 -4.53
CA SER B 107 2.28 14.61 -5.37
C SER B 107 2.76 14.93 -6.78
N GLY B 108 1.81 15.08 -7.70
CA GLY B 108 2.11 15.51 -9.05
C GLY B 108 2.77 14.45 -9.91
N ASP B 109 3.35 14.90 -11.03
CA ASP B 109 3.90 13.99 -12.03
C ASP B 109 4.98 13.07 -11.47
N HIS B 110 5.68 13.53 -10.43
CA HIS B 110 6.78 12.77 -9.86
C HIS B 110 6.39 12.05 -8.57
N CYS B 111 5.09 11.94 -8.34
CA CYS B 111 4.59 11.30 -7.15
C CYS B 111 5.02 9.84 -7.07
N ILE B 112 5.50 9.42 -5.90
CA ILE B 112 5.97 8.06 -5.68
C ILE B 112 5.06 7.23 -4.78
N ILE B 113 3.99 7.88 -4.30
CA ILE B 113 2.98 7.18 -3.51
CA ILE B 113 2.99 7.17 -3.50
C ILE B 113 2.33 6.08 -4.34
N GLY B 114 2.21 4.88 -3.76
CA GLY B 114 1.61 3.76 -4.45
C GLY B 114 2.55 3.03 -5.38
N ARG B 115 3.80 3.48 -5.44
CA ARG B 115 4.82 2.80 -6.23
C ARG B 115 5.71 1.96 -5.32
N THR B 116 6.66 1.23 -5.90
CA THR B 116 7.47 0.30 -5.13
C THR B 116 8.89 0.81 -4.87
N LEU B 117 9.32 0.72 -3.62
CA LEU B 117 10.69 1.02 -3.25
C LEU B 117 11.49 -0.29 -3.22
N VAL B 118 12.71 -0.24 -3.73
CA VAL B 118 13.52 -1.43 -3.87
C VAL B 118 14.97 -1.21 -3.47
N VAL B 119 15.61 -2.23 -2.91
CA VAL B 119 17.03 -2.21 -2.61
C VAL B 119 17.70 -3.36 -3.37
N HIS B 120 18.82 -3.06 -4.02
CA HIS B 120 19.44 -4.04 -4.92
C HIS B 120 20.63 -4.78 -4.30
N GLU B 121 20.98 -5.88 -4.96
CA GLU B 121 22.11 -6.74 -4.63
C GLU B 121 23.45 -6.00 -4.71
N LYS B 122 23.61 -5.22 -5.77
CA LYS B 122 24.85 -4.48 -6.03
C LYS B 122 24.59 -2.99 -6.20
N ALA B 123 25.66 -2.23 -6.38
CA ALA B 123 25.56 -0.76 -6.44
C ALA B 123 24.81 -0.24 -7.67
N ASP B 124 24.27 0.96 -7.53
CA ASP B 124 23.57 1.65 -8.62
C ASP B 124 24.45 1.72 -9.87
N ASN B 139 22.94 -3.51 -13.93
CA ASN B 139 24.18 -3.89 -13.25
C ASN B 139 23.99 -3.97 -11.74
N ALA B 140 22.83 -3.52 -11.26
CA ALA B 140 22.55 -3.51 -9.83
C ALA B 140 22.14 -4.89 -9.33
N GLY B 141 21.98 -5.84 -10.25
CA GLY B 141 21.64 -7.20 -9.87
C GLY B 141 20.20 -7.32 -9.41
N SER B 142 19.93 -8.34 -8.61
CA SER B 142 18.57 -8.67 -8.24
C SER B 142 18.00 -7.72 -7.18
N ARG B 143 16.67 -7.70 -7.07
CA ARG B 143 15.99 -6.89 -6.05
C ARG B 143 15.86 -7.71 -4.78
N LEU B 144 16.62 -7.32 -3.76
CA LEU B 144 16.68 -8.07 -2.51
C LEU B 144 15.42 -7.88 -1.66
N ALA B 145 14.86 -6.68 -1.69
CA ALA B 145 13.68 -6.39 -0.91
C ALA B 145 12.94 -5.21 -1.50
N CYS B 146 11.64 -5.14 -1.25
CA CYS B 146 10.81 -4.08 -1.79
C CYS B 146 9.55 -3.94 -0.95
N GLY B 147 8.88 -2.81 -1.10
CA GLY B 147 7.57 -2.61 -0.49
C GLY B 147 6.82 -1.51 -1.20
N VAL B 148 5.50 -1.45 -1.01
CA VAL B 148 4.70 -0.39 -1.61
C VAL B 148 4.76 0.84 -0.71
N ILE B 149 5.00 2.01 -1.33
CA ILE B 149 5.11 3.28 -0.58
C ILE B 149 3.71 3.77 -0.23
N GLY B 150 3.44 3.87 1.06
CA GLY B 150 2.10 4.21 1.53
C GLY B 150 2.03 5.58 2.18
N ILE B 151 0.82 6.14 2.23
CA ILE B 151 0.58 7.41 2.91
C ILE B 151 0.72 7.21 4.41
N ALA B 152 1.47 8.10 5.05
CA ALA B 152 1.77 8.00 6.48
C ALA B 152 1.16 9.15 7.26
N GLN B 153 1.01 10.29 6.59
CA GLN B 153 0.39 11.48 7.19
C GLN B 153 -0.13 12.39 6.08
#